data_8ANC
#
_entry.id   8ANC
#
_cell.length_a   82.600
_cell.length_b   112.390
_cell.length_c   62.690
_cell.angle_alpha   90.000
_cell.angle_beta   90.000
_cell.angle_gamma   90.000
#
_symmetry.space_group_name_H-M   'C 2 2 21'
#
loop_
_entity.id
_entity.type
_entity.pdbx_description
1 polymer '14-3-3 protein sigma'
2 polymer 'NAD-dependent protein deacetylase sirtuin-3, mitochondrial'
3 non-polymer 'MAGNESIUM ION'
4 non-polymer 'CALCIUM ION'
5 non-polymer 'CHLORIDE ION'
6 water water
#
loop_
_entity_poly.entity_id
_entity_poly.type
_entity_poly.pdbx_seq_one_letter_code
_entity_poly.pdbx_strand_id
1 'polypeptide(L)'
;GSMGSMERASLIQKAKLAEQAERYEDMAAFMKGAVEKGEELSCEERNLLSVAYKNVVGGQRAAWRVLSSIEQKSNEEGSE
EKGPEVREYREKVETELQGVCDTVLGLLDSHLIKEAGDAESRVFYLKMKGDYYRYLAEVATGDDKKRIIDSARSAYQEAM
DISKKEMPPTNPIRLGLALNFSVFHYEIANSPEEAISLAKTTFDEAMADLHTLSEDSYKDSTLIMQLLRDNLTLWT
;
A
2 'polypeptide(L)' GRRSI(SEP)FSVGA P
#
# COMPACT_ATOMS: atom_id res chain seq x y z
N GLY A 1 6.77 -3.39 -23.51
CA GLY A 1 7.51 -4.58 -23.05
C GLY A 1 6.83 -5.85 -23.54
N SER A 2 6.84 -6.90 -22.69
CA SER A 2 6.42 -8.24 -23.01
C SER A 2 4.93 -8.29 -23.41
N MET A 3 4.12 -7.39 -22.85
CA MET A 3 2.70 -7.34 -23.12
C MET A 3 2.36 -6.36 -24.24
N GLY A 4 3.38 -5.84 -24.92
CA GLY A 4 3.17 -4.81 -25.91
C GLY A 4 2.31 -5.26 -27.10
N SER A 5 2.32 -6.58 -27.38
CA SER A 5 1.55 -7.08 -28.51
CA SER A 5 1.58 -7.19 -28.48
C SER A 5 0.13 -7.49 -28.13
N MET A 6 -0.26 -7.45 -26.85
CA MET A 6 -1.58 -7.86 -26.46
C MET A 6 -2.50 -6.66 -26.34
N GLU A 7 -3.74 -6.81 -26.83
CA GLU A 7 -4.73 -5.75 -26.73
C GLU A 7 -4.96 -5.37 -25.25
N ARG A 8 -5.21 -4.08 -25.02
CA ARG A 8 -5.54 -3.58 -23.70
C ARG A 8 -6.68 -4.37 -23.09
N ALA A 9 -7.79 -4.57 -23.87
CA ALA A 9 -8.97 -5.21 -23.31
C ALA A 9 -8.64 -6.66 -22.93
N SER A 10 -7.79 -7.31 -23.73
CA SER A 10 -7.39 -8.67 -23.44
C SER A 10 -6.54 -8.78 -22.17
N LEU A 11 -5.67 -7.80 -21.98
CA LEU A 11 -4.88 -7.73 -20.73
C LEU A 11 -5.79 -7.62 -19.51
N ILE A 12 -6.80 -6.77 -19.59
CA ILE A 12 -7.74 -6.59 -18.49
CA ILE A 12 -7.69 -6.61 -18.47
C ILE A 12 -8.52 -7.88 -18.25
N GLN A 13 -8.98 -8.51 -19.34
CA GLN A 13 -9.72 -9.77 -19.20
CA GLN A 13 -9.72 -9.77 -19.21
C GLN A 13 -8.86 -10.83 -18.52
N LYS A 14 -7.60 -10.93 -18.96
CA LYS A 14 -6.72 -11.94 -18.40
C LYS A 14 -6.30 -11.61 -16.97
N ALA A 15 -6.19 -10.32 -16.63
CA ALA A 15 -5.98 -9.98 -15.23
C ALA A 15 -7.10 -10.51 -14.34
N LYS A 16 -8.35 -10.40 -14.80
CA LYS A 16 -9.50 -10.89 -14.04
C LYS A 16 -9.45 -12.41 -13.93
N LEU A 17 -9.07 -13.09 -15.03
CA LEU A 17 -8.89 -14.55 -14.98
C LEU A 17 -7.79 -14.96 -14.01
N ALA A 18 -6.68 -14.25 -14.06
CA ALA A 18 -5.56 -14.54 -13.18
C ALA A 18 -5.97 -14.38 -11.72
N GLU A 19 -6.77 -13.35 -11.40
CA GLU A 19 -7.27 -13.18 -10.06
C GLU A 19 -8.08 -14.41 -9.63
N GLN A 20 -8.99 -14.86 -10.49
CA GLN A 20 -9.80 -16.02 -10.19
C GLN A 20 -8.95 -17.26 -9.92
N ALA A 21 -7.86 -17.39 -10.67
CA ALA A 21 -6.95 -18.52 -10.59
C ALA A 21 -5.89 -18.35 -9.48
N GLU A 22 -5.93 -17.23 -8.77
CA GLU A 22 -4.94 -16.93 -7.72
CA GLU A 22 -4.94 -16.93 -7.72
C GLU A 22 -3.52 -16.93 -8.28
N ARG A 23 -3.38 -16.42 -9.49
CA ARG A 23 -2.11 -16.24 -10.21
C ARG A 23 -1.72 -14.79 -10.16
N TYR A 24 -1.29 -14.31 -9.00
CA TYR A 24 -1.12 -12.87 -8.81
C TYR A 24 0.09 -12.29 -9.52
N GLU A 25 1.16 -13.05 -9.72
CA GLU A 25 2.28 -12.58 -10.53
CA GLU A 25 2.26 -12.53 -10.52
C GLU A 25 1.81 -12.31 -11.96
N ASP A 26 1.05 -13.26 -12.53
CA ASP A 26 0.49 -13.07 -13.87
C ASP A 26 -0.41 -11.84 -13.88
N MET A 27 -1.27 -11.75 -12.86
CA MET A 27 -2.20 -10.63 -12.78
C MET A 27 -1.46 -9.30 -12.83
N ALA A 28 -0.37 -9.19 -12.04
CA ALA A 28 0.42 -7.97 -12.01
C ALA A 28 1.06 -7.68 -13.37
N ALA A 29 1.59 -8.72 -14.03
CA ALA A 29 2.19 -8.53 -15.34
C ALA A 29 1.16 -8.04 -16.37
N PHE A 30 -0.06 -8.60 -16.31
CA PHE A 30 -1.11 -8.15 -17.22
C PHE A 30 -1.46 -6.68 -16.96
N MET A 31 -1.61 -6.34 -15.67
CA MET A 31 -1.96 -4.98 -15.32
C MET A 31 -0.86 -3.97 -15.62
N LYS A 32 0.41 -4.36 -15.43
CA LYS A 32 1.51 -3.50 -15.87
C LYS A 32 1.42 -3.26 -17.37
N GLY A 33 1.15 -4.32 -18.13
CA GLY A 33 0.98 -4.16 -19.56
C GLY A 33 -0.15 -3.21 -19.90
N ALA A 34 -1.27 -3.31 -19.18
CA ALA A 34 -2.37 -2.41 -19.41
C ALA A 34 -1.99 -0.97 -19.12
N VAL A 35 -1.31 -0.70 -17.98
CA VAL A 35 -0.88 0.65 -17.71
C VAL A 35 0.02 1.19 -18.84
N GLU A 36 0.90 0.31 -19.31
CA GLU A 36 1.87 0.75 -20.31
C GLU A 36 1.23 1.03 -21.68
N LYS A 37 -0.05 0.75 -21.87
CA LYS A 37 -0.75 1.21 -23.07
C LYS A 37 -0.90 2.71 -23.11
N GLY A 38 -0.77 3.40 -21.95
CA GLY A 38 -0.72 4.85 -21.91
C GLY A 38 -2.02 5.53 -21.60
N GLU A 39 -3.14 4.79 -21.58
CA GLU A 39 -4.43 5.37 -21.26
CA GLU A 39 -4.45 5.32 -21.29
C GLU A 39 -4.67 5.35 -19.76
N GLU A 40 -5.49 6.27 -19.30
CA GLU A 40 -5.91 6.28 -17.89
C GLU A 40 -6.63 4.97 -17.56
N LEU A 41 -6.69 4.63 -16.27
CA LEU A 41 -7.37 3.48 -15.75
CA LEU A 41 -7.39 3.46 -15.80
C LEU A 41 -8.71 3.88 -15.16
N SER A 42 -9.72 3.07 -15.41
CA SER A 42 -11.01 3.21 -14.76
C SER A 42 -10.90 2.80 -13.28
N CYS A 43 -11.98 3.05 -12.52
CA CYS A 43 -12.01 2.62 -11.14
CA CYS A 43 -12.00 2.63 -11.12
C CYS A 43 -11.75 1.12 -10.98
N GLU A 44 -12.46 0.32 -11.80
CA GLU A 44 -12.29 -1.11 -11.70
C GLU A 44 -10.85 -1.50 -12.02
N GLU A 45 -10.27 -0.89 -13.04
CA GLU A 45 -8.92 -1.22 -13.46
C GLU A 45 -7.88 -0.81 -12.40
N ARG A 46 -8.07 0.34 -11.75
CA ARG A 46 -7.19 0.74 -10.65
C ARG A 46 -7.23 -0.33 -9.57
N ASN A 47 -8.44 -0.83 -9.25
CA ASN A 47 -8.57 -1.86 -8.23
CA ASN A 47 -8.55 -1.84 -8.21
C ASN A 47 -7.84 -3.14 -8.61
N LEU A 48 -7.93 -3.55 -9.91
CA LEU A 48 -7.18 -4.71 -10.35
C LEU A 48 -5.67 -4.53 -10.19
N LEU A 49 -5.18 -3.34 -10.55
CA LEU A 49 -3.76 -3.06 -10.40
C LEU A 49 -3.32 -3.21 -8.94
N SER A 50 -4.11 -2.62 -8.03
CA SER A 50 -3.80 -2.68 -6.62
C SER A 50 -3.86 -4.10 -6.08
N VAL A 51 -4.91 -4.87 -6.42
CA VAL A 51 -5.04 -6.23 -5.91
C VAL A 51 -3.83 -7.07 -6.34
N ALA A 52 -3.44 -6.92 -7.61
CA ALA A 52 -2.36 -7.74 -8.14
C ALA A 52 -1.08 -7.51 -7.35
N TYR A 53 -0.65 -6.25 -7.31
CA TYR A 53 0.61 -5.94 -6.65
C TYR A 53 0.55 -6.09 -5.14
N LYS A 54 -0.61 -5.89 -4.49
CA LYS A 54 -0.72 -6.11 -3.04
C LYS A 54 -0.40 -7.58 -2.73
N ASN A 55 -0.92 -8.48 -3.56
CA ASN A 55 -0.71 -9.89 -3.31
C ASN A 55 0.74 -10.29 -3.61
N VAL A 56 1.34 -9.77 -4.67
CA VAL A 56 2.73 -10.08 -4.97
C VAL A 56 3.61 -9.58 -3.82
N VAL A 57 3.50 -8.31 -3.48
CA VAL A 57 4.39 -7.76 -2.48
CA VAL A 57 4.41 -7.76 -2.47
C VAL A 57 4.07 -8.33 -1.10
N GLY A 58 2.80 -8.72 -0.89
CA GLY A 58 2.43 -9.32 0.38
C GLY A 58 3.15 -10.62 0.63
N GLY A 59 3.27 -11.47 -0.39
CA GLY A 59 4.03 -12.70 -0.21
C GLY A 59 5.50 -12.43 0.08
N GLN A 60 6.04 -11.42 -0.59
CA GLN A 60 7.45 -11.09 -0.40
C GLN A 60 7.70 -10.50 1.00
N ARG A 61 6.78 -9.65 1.48
CA ARG A 61 6.90 -9.10 2.82
C ARG A 61 6.84 -10.21 3.85
N ALA A 62 5.88 -11.14 3.70
CA ALA A 62 5.77 -12.23 4.66
C ALA A 62 7.05 -13.06 4.67
N ALA A 63 7.61 -13.35 3.49
CA ALA A 63 8.84 -14.12 3.43
C ALA A 63 10.01 -13.39 4.07
N TRP A 64 10.09 -12.11 3.77
CA TRP A 64 11.16 -11.28 4.31
C TRP A 64 11.12 -11.28 5.83
N ARG A 65 9.93 -11.19 6.41
CA ARG A 65 9.82 -11.15 7.85
CA ARG A 65 9.80 -11.15 7.87
C ARG A 65 10.27 -12.48 8.46
N VAL A 66 9.90 -13.61 7.82
CA VAL A 66 10.33 -14.92 8.32
C VAL A 66 11.85 -14.98 8.32
N LEU A 67 12.47 -14.60 7.21
CA LEU A 67 13.89 -14.71 7.05
C LEU A 67 14.66 -13.74 7.94
N SER A 68 14.15 -12.51 8.09
CA SER A 68 14.72 -11.53 9.00
CA SER A 68 14.72 -11.54 9.01
C SER A 68 14.73 -12.05 10.44
N SER A 69 13.63 -12.70 10.87
CA SER A 69 13.53 -13.24 12.21
CA SER A 69 13.56 -13.20 12.23
CA SER A 69 13.56 -13.20 12.23
C SER A 69 14.60 -14.30 12.42
N ILE A 70 14.74 -15.21 11.43
CA ILE A 70 15.74 -16.27 11.54
C ILE A 70 17.15 -15.67 11.61
N GLU A 71 17.38 -14.62 10.83
CA GLU A 71 18.66 -13.95 10.75
C GLU A 71 18.98 -13.28 12.12
N GLN A 72 17.95 -12.61 12.72
CA GLN A 72 18.19 -12.00 14.06
C GLN A 72 18.57 -13.09 15.06
N LYS A 73 17.98 -14.29 14.97
CA LYS A 73 18.32 -15.21 16.07
C LYS A 73 19.77 -15.71 15.89
N SER A 74 20.14 -15.90 14.62
CA SER A 74 21.41 -16.51 14.28
C SER A 74 22.58 -15.60 14.66
N ASN A 75 22.29 -14.30 14.90
CA ASN A 75 23.24 -13.30 15.36
C ASN A 75 22.84 -12.81 16.76
N GLU A 76 22.24 -13.73 17.54
CA GLU A 76 22.01 -13.48 18.96
C GLU A 76 23.16 -14.08 19.76
N GLU A 77 23.23 -13.67 21.04
CA GLU A 77 24.38 -13.90 21.89
C GLU A 77 25.13 -15.16 21.45
N GLY A 78 24.41 -16.31 21.38
CA GLY A 78 25.05 -17.59 21.19
C GLY A 78 24.22 -18.56 20.35
N SER A 79 23.83 -18.12 19.15
CA SER A 79 23.09 -18.95 18.22
C SER A 79 23.99 -19.31 16.98
N GLU A 80 23.36 -20.22 16.10
CA GLU A 80 24.03 -20.72 14.90
C GLU A 80 25.07 -19.71 14.46
N GLU A 81 26.33 -19.86 14.92
CA GLU A 81 27.43 -19.01 14.49
C GLU A 81 27.81 -19.43 13.07
N LYS A 82 26.77 -19.58 12.24
CA LYS A 82 26.83 -20.37 11.02
C LYS A 82 27.38 -19.47 9.91
N GLY A 83 26.94 -19.78 8.69
CA GLY A 83 27.49 -19.22 7.47
C GLY A 83 26.68 -18.03 6.95
N PRO A 84 26.98 -17.63 5.72
CA PRO A 84 26.36 -16.44 5.15
C PRO A 84 24.96 -16.67 4.57
N GLU A 85 24.47 -17.91 4.59
CA GLU A 85 23.31 -18.32 3.78
C GLU A 85 22.01 -17.61 4.17
N VAL A 86 21.73 -17.48 5.47
CA VAL A 86 20.50 -16.81 5.89
CA VAL A 86 20.48 -16.83 5.83
C VAL A 86 20.50 -15.37 5.38
N ARG A 87 21.60 -14.64 5.65
CA ARG A 87 21.71 -13.27 5.17
CA ARG A 87 21.78 -13.28 5.16
C ARG A 87 21.58 -13.21 3.65
N GLU A 88 22.26 -14.10 2.93
CA GLU A 88 22.22 -14.05 1.48
C GLU A 88 20.79 -14.22 0.98
N TYR A 89 20.04 -15.19 1.56
CA TYR A 89 18.70 -15.46 1.06
C TYR A 89 17.75 -14.33 1.48
N ARG A 90 17.88 -13.80 2.71
CA ARG A 90 17.10 -12.61 3.07
C ARG A 90 17.37 -11.47 2.10
N GLU A 91 18.65 -11.25 1.76
CA GLU A 91 19.00 -10.21 0.82
C GLU A 91 18.38 -10.46 -0.57
N LYS A 92 18.32 -11.72 -1.01
CA LYS A 92 17.71 -12.04 -2.29
CA LYS A 92 17.70 -12.07 -2.29
CA LYS A 92 17.71 -12.05 -2.29
C LYS A 92 16.23 -11.66 -2.30
N VAL A 93 15.53 -12.08 -1.27
CA VAL A 93 14.11 -11.76 -1.18
C VAL A 93 13.91 -10.25 -1.06
N GLU A 94 14.78 -9.58 -0.28
CA GLU A 94 14.69 -8.14 -0.13
C GLU A 94 14.84 -7.41 -1.47
N THR A 95 15.83 -7.84 -2.26
CA THR A 95 16.07 -7.19 -3.54
CA THR A 95 16.03 -7.13 -3.52
C THR A 95 14.86 -7.40 -4.47
N GLU A 96 14.26 -8.58 -4.43
CA GLU A 96 13.09 -8.82 -5.27
CA GLU A 96 13.09 -8.83 -5.26
C GLU A 96 11.92 -7.95 -4.85
N LEU A 97 11.72 -7.81 -3.53
CA LEU A 97 10.69 -6.95 -2.97
CA LEU A 97 10.66 -6.97 -3.00
C LEU A 97 10.89 -5.51 -3.39
N GLN A 98 12.12 -5.02 -3.24
CA GLN A 98 12.44 -3.67 -3.66
C GLN A 98 12.17 -3.47 -5.16
N GLY A 99 12.49 -4.49 -5.97
CA GLY A 99 12.23 -4.37 -7.38
C GLY A 99 10.74 -4.27 -7.70
N VAL A 100 9.89 -5.01 -7.01
CA VAL A 100 8.45 -4.87 -7.21
C VAL A 100 7.97 -3.47 -6.80
N CYS A 101 8.42 -3.00 -5.63
CA CYS A 101 8.05 -1.66 -5.23
C CYS A 101 8.47 -0.61 -6.23
N ASP A 102 9.72 -0.73 -6.73
CA ASP A 102 10.23 0.22 -7.71
C ASP A 102 9.40 0.16 -9.00
N THR A 103 8.97 -1.04 -9.39
CA THR A 103 8.10 -1.19 -10.56
C THR A 103 6.79 -0.44 -10.38
N VAL A 104 6.15 -0.60 -9.23
CA VAL A 104 4.87 0.05 -8.97
C VAL A 104 5.06 1.57 -8.96
N LEU A 105 6.09 2.03 -8.23
CA LEU A 105 6.38 3.44 -8.17
C LEU A 105 6.68 4.01 -9.56
N GLY A 106 7.34 3.23 -10.40
CA GLY A 106 7.62 3.65 -11.76
C GLY A 106 6.36 3.81 -12.59
N LEU A 107 5.38 2.91 -12.43
CA LEU A 107 4.11 3.04 -13.13
C LEU A 107 3.35 4.28 -12.69
N LEU A 108 3.39 4.56 -11.37
CA LEU A 108 2.73 5.73 -10.81
C LEU A 108 3.35 7.00 -11.37
N ASP A 109 4.69 6.99 -11.54
CA ASP A 109 5.42 8.14 -12.04
CA ASP A 109 5.43 8.15 -12.03
C ASP A 109 5.40 8.26 -13.55
N SER A 110 4.98 7.22 -14.28
CA SER A 110 5.07 7.19 -15.75
CA SER A 110 5.08 7.15 -15.72
C SER A 110 3.84 6.47 -16.32
N HIS A 111 2.68 7.15 -16.33
CA HIS A 111 2.44 8.53 -16.01
C HIS A 111 1.09 8.64 -15.27
N LEU A 112 0.79 7.64 -14.39
CA LEU A 112 -0.54 7.60 -13.81
C LEU A 112 -0.88 8.82 -12.97
N ILE A 113 0.01 9.23 -12.07
CA ILE A 113 -0.32 10.35 -11.19
C ILE A 113 -0.47 11.65 -12.00
N LYS A 114 0.45 11.89 -12.94
CA LYS A 114 0.37 13.18 -13.58
CA LYS A 114 0.46 13.09 -13.75
C LYS A 114 -0.90 13.33 -14.42
N GLU A 115 -1.49 12.25 -14.92
CA GLU A 115 -2.70 12.39 -15.71
CA GLU A 115 -2.70 12.31 -15.72
C GLU A 115 -3.96 12.25 -14.87
N ALA A 116 -3.84 12.00 -13.57
CA ALA A 116 -4.98 11.81 -12.69
C ALA A 116 -5.45 13.15 -12.14
N GLY A 117 -6.62 13.58 -12.62
CA GLY A 117 -7.18 14.88 -12.22
C GLY A 117 -8.41 14.78 -11.29
N ASP A 118 -9.12 13.67 -11.33
CA ASP A 118 -10.26 13.54 -10.45
C ASP A 118 -9.79 13.12 -9.07
N ALA A 119 -10.52 13.52 -8.04
CA ALA A 119 -10.07 13.21 -6.70
C ALA A 119 -9.95 11.71 -6.47
N GLU A 120 -10.88 10.89 -7.00
CA GLU A 120 -10.86 9.46 -6.72
CA GLU A 120 -10.86 9.47 -6.71
C GLU A 120 -9.57 8.86 -7.28
N SER A 121 -9.20 9.26 -8.50
CA SER A 121 -8.04 8.64 -9.12
CA SER A 121 -8.04 8.71 -9.16
C SER A 121 -6.77 9.17 -8.42
N ARG A 122 -6.69 10.50 -8.21
CA ARG A 122 -5.47 11.05 -7.68
CA ARG A 122 -5.51 11.13 -7.63
CA ARG A 122 -5.53 11.17 -7.62
C ARG A 122 -5.20 10.57 -6.25
N VAL A 123 -6.24 10.54 -5.40
CA VAL A 123 -6.06 10.02 -4.06
C VAL A 123 -5.65 8.56 -4.08
N PHE A 124 -6.31 7.75 -4.95
CA PHE A 124 -5.96 6.35 -5.04
CA PHE A 124 -5.96 6.35 -5.04
C PHE A 124 -4.47 6.18 -5.35
N TYR A 125 -3.97 6.91 -6.35
CA TYR A 125 -2.58 6.73 -6.76
C TYR A 125 -1.61 7.26 -5.74
N LEU A 126 -1.90 8.39 -5.12
CA LEU A 126 -1.04 8.93 -4.09
C LEU A 126 -0.98 8.02 -2.85
N LYS A 127 -2.12 7.44 -2.47
CA LYS A 127 -2.15 6.43 -1.43
C LYS A 127 -1.23 5.27 -1.80
N MET A 128 -1.35 4.78 -3.06
CA MET A 128 -0.50 3.70 -3.54
CA MET A 128 -0.51 3.70 -3.49
C MET A 128 0.97 4.09 -3.43
N LYS A 129 1.32 5.32 -3.83
CA LYS A 129 2.71 5.77 -3.73
C LYS A 129 3.18 5.71 -2.27
N GLY A 130 2.35 6.22 -1.37
CA GLY A 130 2.70 6.12 0.05
C GLY A 130 2.89 4.68 0.52
N ASP A 131 1.97 3.79 0.12
CA ASP A 131 2.04 2.41 0.52
C ASP A 131 3.35 1.75 0.05
N TYR A 132 3.74 1.95 -1.24
CA TYR A 132 4.91 1.24 -1.74
C TYR A 132 6.20 1.87 -1.21
N TYR A 133 6.24 3.17 -0.98
CA TYR A 133 7.36 3.72 -0.22
C TYR A 133 7.38 3.15 1.21
N ARG A 134 6.21 2.96 1.84
CA ARG A 134 6.19 2.35 3.14
C ARG A 134 6.78 0.95 3.13
N TYR A 135 6.44 0.14 2.10
CA TYR A 135 7.03 -1.19 2.01
C TYR A 135 8.56 -1.14 1.82
N LEU A 136 9.02 -0.14 1.05
CA LEU A 136 10.46 0.06 0.97
C LEU A 136 11.04 0.44 2.34
N ALA A 137 10.33 1.25 3.11
CA ALA A 137 10.81 1.68 4.41
C ALA A 137 10.89 0.53 5.38
N GLU A 138 10.00 -0.46 5.27
CA GLU A 138 10.02 -1.59 6.16
C GLU A 138 11.35 -2.33 6.12
N VAL A 139 12.05 -2.31 4.98
CA VAL A 139 13.28 -3.08 4.81
C VAL A 139 14.52 -2.19 4.74
N ALA A 140 14.37 -0.87 4.86
N ALA A 140 14.33 -0.87 4.77
CA ALA A 140 15.44 0.08 4.55
CA ALA A 140 15.45 0.06 4.73
C ALA A 140 16.47 0.22 5.69
C ALA A 140 16.18 0.20 6.07
N THR A 141 17.75 0.30 5.31
N THR A 141 17.43 0.63 5.95
CA THR A 141 18.87 0.77 6.09
CA THR A 141 18.20 0.98 7.11
C THR A 141 19.67 1.67 5.15
C THR A 141 18.72 2.42 7.01
N GLY A 142 20.76 2.23 5.66
N GLY A 142 19.03 3.06 8.15
CA GLY A 142 21.65 2.95 4.78
CA GLY A 142 19.89 4.25 8.17
C GLY A 142 21.06 4.34 4.55
C GLY A 142 19.34 5.44 7.40
N ASP A 143 21.75 5.08 3.67
N ASP A 143 20.22 6.17 6.70
CA ASP A 143 21.89 6.51 3.84
CA ASP A 143 19.80 7.42 6.08
C ASP A 143 20.56 7.15 3.44
C ASP A 143 18.93 7.11 4.87
N ASP A 144 19.77 6.42 2.69
N ASP A 144 19.16 5.95 4.25
CA ASP A 144 18.58 7.03 2.12
CA ASP A 144 18.26 5.49 3.21
C ASP A 144 17.32 6.67 2.92
C ASP A 144 16.82 5.44 3.72
N LYS A 145 17.39 5.99 4.09
N LYS A 145 16.67 4.94 4.94
CA LYS A 145 16.20 5.49 4.83
CA LYS A 145 15.37 4.97 5.57
C LYS A 145 15.22 6.59 5.27
C LYS A 145 14.84 6.40 5.76
N LYS A 146 15.83 7.56 5.97
N LYS A 146 15.67 7.48 5.72
CA LYS A 146 15.09 8.74 6.31
CA LYS A 146 15.14 8.81 6.02
C LYS A 146 14.38 9.26 5.08
C LYS A 146 14.46 9.44 4.80
N ARG A 147 15.04 9.22 3.92
N ARG A 147 15.10 9.38 3.64
CA ARG A 147 14.48 9.84 2.71
CA ARG A 147 14.47 9.93 2.46
C ARG A 147 13.31 9.01 2.18
C ARG A 147 13.30 9.01 2.08
N ILE A 148 13.41 7.67 2.26
CA ILE A 148 12.31 6.79 1.91
C ILE A 148 11.08 7.06 2.79
N ILE A 149 11.30 7.19 4.09
CA ILE A 149 10.23 7.52 4.99
C ILE A 149 9.57 8.85 4.63
N ASP A 150 10.40 9.87 4.31
N ASP A 150 10.43 9.85 4.34
CA ASP A 150 9.81 11.14 3.94
CA ASP A 150 9.98 11.15 3.93
C ASP A 150 9.05 11.08 2.62
C ASP A 150 9.08 11.05 2.68
N SER A 151 9.49 10.26 1.69
CA SER A 151 8.73 10.06 0.46
C SER A 151 7.35 9.47 0.73
N ALA A 152 7.29 8.46 1.60
CA ALA A 152 6.00 7.89 1.97
C ALA A 152 5.13 8.96 2.61
N ARG A 153 5.68 9.66 3.60
CA ARG A 153 4.93 10.70 4.31
CA ARG A 153 4.93 10.70 4.31
C ARG A 153 4.37 11.74 3.34
N SER A 154 5.21 12.21 2.42
CA SER A 154 4.80 13.27 1.50
CA SER A 154 4.81 13.26 1.48
C SER A 154 3.64 12.83 0.60
N ALA A 155 3.72 11.60 0.11
CA ALA A 155 2.65 11.08 -0.75
C ALA A 155 1.35 10.93 0.05
N TYR A 156 1.43 10.33 1.23
CA TYR A 156 0.23 10.23 2.05
C TYR A 156 -0.34 11.59 2.39
N GLN A 157 0.50 12.58 2.70
CA GLN A 157 0.02 13.87 3.10
C GLN A 157 -0.71 14.56 1.94
N GLU A 158 -0.15 14.50 0.72
CA GLU A 158 -0.84 15.11 -0.40
CA GLU A 158 -0.81 15.06 -0.46
C GLU A 158 -2.19 14.42 -0.64
N ALA A 159 -2.23 13.09 -0.52
CA ALA A 159 -3.49 12.36 -0.65
C ALA A 159 -4.49 12.79 0.41
N MET A 160 -4.02 12.94 1.65
CA MET A 160 -4.90 13.35 2.74
CA MET A 160 -4.88 13.35 2.76
C MET A 160 -5.48 14.73 2.49
N ASP A 161 -4.65 15.65 2.02
CA ASP A 161 -5.14 17.00 1.82
C ASP A 161 -6.24 17.04 0.76
N ILE A 162 -6.04 16.29 -0.33
CA ILE A 162 -7.06 16.21 -1.37
C ILE A 162 -8.32 15.54 -0.86
N SER A 163 -8.16 14.42 -0.14
CA SER A 163 -9.30 13.64 0.33
CA SER A 163 -9.28 13.64 0.35
C SER A 163 -10.19 14.46 1.28
N LYS A 164 -9.56 15.27 2.14
CA LYS A 164 -10.34 16.06 3.06
C LYS A 164 -11.10 17.17 2.38
N LYS A 165 -10.56 17.72 1.30
CA LYS A 165 -11.23 18.78 0.57
CA LYS A 165 -11.22 18.78 0.56
C LYS A 165 -12.34 18.23 -0.32
N GLU A 166 -12.11 17.07 -0.93
CA GLU A 166 -12.92 16.64 -2.05
C GLU A 166 -13.84 15.44 -1.83
N MET A 167 -13.70 14.73 -0.72
CA MET A 167 -14.44 13.50 -0.48
CA MET A 167 -14.47 13.51 -0.50
C MET A 167 -15.18 13.60 0.83
N PRO A 168 -16.34 12.91 0.97
CA PRO A 168 -16.96 12.82 2.28
C PRO A 168 -16.17 11.91 3.21
N PRO A 169 -16.39 12.05 4.54
CA PRO A 169 -15.58 11.33 5.50
C PRO A 169 -15.81 9.82 5.49
N THR A 170 -16.90 9.34 4.84
CA THR A 170 -17.15 7.92 4.69
C THR A 170 -16.61 7.32 3.39
N ASN A 171 -16.05 8.14 2.51
CA ASN A 171 -15.61 7.60 1.22
C ASN A 171 -14.59 6.50 1.47
N PRO A 172 -14.75 5.30 0.87
CA PRO A 172 -13.87 4.18 1.16
C PRO A 172 -12.38 4.46 0.88
N ILE A 173 -12.06 5.19 -0.19
CA ILE A 173 -10.68 5.48 -0.49
C ILE A 173 -10.10 6.42 0.56
N ARG A 174 -10.88 7.43 0.98
CA ARG A 174 -10.46 8.31 2.06
C ARG A 174 -10.22 7.52 3.34
N LEU A 175 -11.12 6.59 3.67
CA LEU A 175 -10.95 5.79 4.87
C LEU A 175 -9.74 4.89 4.79
N GLY A 176 -9.53 4.23 3.67
CA GLY A 176 -8.38 3.32 3.55
C GLY A 176 -7.06 4.10 3.59
N LEU A 177 -7.05 5.28 2.98
CA LEU A 177 -5.87 6.16 3.07
C LEU A 177 -5.56 6.52 4.53
N ALA A 178 -6.57 6.96 5.27
CA ALA A 178 -6.35 7.35 6.65
C ALA A 178 -5.88 6.14 7.45
N LEU A 179 -6.47 4.97 7.23
CA LEU A 179 -6.04 3.76 7.90
C LEU A 179 -4.56 3.53 7.64
N ASN A 180 -4.16 3.56 6.37
CA ASN A 180 -2.77 3.24 6.04
C ASN A 180 -1.80 4.33 6.52
N PHE A 181 -2.21 5.60 6.45
CA PHE A 181 -1.33 6.63 6.99
C PHE A 181 -1.17 6.45 8.51
N SER A 182 -2.23 6.02 9.20
CA SER A 182 -2.10 5.75 10.64
CA SER A 182 -2.12 5.73 10.64
CA SER A 182 -2.16 5.71 10.61
C SER A 182 -1.13 4.59 10.88
N VAL A 183 -1.16 3.56 10.05
CA VAL A 183 -0.18 2.47 10.15
C VAL A 183 1.23 2.97 9.92
N PHE A 184 1.41 3.85 8.91
CA PHE A 184 2.69 4.50 8.71
C PHE A 184 3.16 5.19 9.98
N HIS A 185 2.29 6.00 10.60
CA HIS A 185 2.72 6.69 11.81
C HIS A 185 3.13 5.71 12.90
N TYR A 186 2.35 4.64 13.08
CA TYR A 186 2.61 3.73 14.19
C TYR A 186 3.86 2.87 13.98
N GLU A 187 3.97 2.28 12.77
CA GLU A 187 4.93 1.22 12.48
CA GLU A 187 4.93 1.22 12.45
C GLU A 187 6.22 1.77 11.87
N ILE A 188 6.17 2.91 11.16
CA ILE A 188 7.31 3.42 10.42
C ILE A 188 7.91 4.67 11.06
N ALA A 189 7.06 5.62 11.41
CA ALA A 189 7.48 6.96 11.81
C ALA A 189 7.62 7.07 13.30
N ASN A 190 7.47 6.01 14.08
CA ASN A 190 7.65 6.07 15.53
CA ASN A 190 7.64 6.06 15.53
C ASN A 190 6.78 7.15 16.17
N SER A 191 5.53 7.24 15.69
CA SER A 191 4.56 8.26 16.10
C SER A 191 3.23 7.63 16.50
N PRO A 192 3.22 6.80 17.55
CA PRO A 192 1.99 6.10 17.92
C PRO A 192 0.88 7.07 18.32
N GLU A 193 1.19 8.19 18.98
CA GLU A 193 0.12 9.10 19.35
C GLU A 193 -0.53 9.68 18.10
N GLU A 194 0.26 10.04 17.09
CA GLU A 194 -0.32 10.55 15.85
C GLU A 194 -1.20 9.48 15.19
N ALA A 195 -0.72 8.25 15.23
CA ALA A 195 -1.48 7.15 14.64
C ALA A 195 -2.86 7.03 15.32
N ILE A 196 -2.84 7.02 16.65
CA ILE A 196 -4.06 6.85 17.43
C ILE A 196 -5.01 8.03 17.18
N SER A 197 -4.49 9.25 17.19
CA SER A 197 -5.29 10.44 16.97
CA SER A 197 -5.30 10.43 16.98
C SER A 197 -5.96 10.37 15.59
N LEU A 198 -5.18 10.01 14.57
CA LEU A 198 -5.71 9.98 13.21
C LEU A 198 -6.79 8.91 13.12
N ALA A 199 -6.54 7.72 13.65
CA ALA A 199 -7.56 6.67 13.59
C ALA A 199 -8.84 7.07 14.29
N LYS A 200 -8.73 7.69 15.45
CA LYS A 200 -9.93 8.07 16.18
CA LYS A 200 -9.88 8.16 16.22
C LYS A 200 -10.69 9.18 15.46
N THR A 201 -10.03 10.24 14.99
CA THR A 201 -10.71 11.31 14.31
CA THR A 201 -10.75 11.30 14.32
C THR A 201 -11.38 10.76 13.04
N THR A 202 -10.65 9.91 12.32
CA THR A 202 -11.22 9.35 11.09
C THR A 202 -12.49 8.57 11.41
N PHE A 203 -12.41 7.68 12.42
CA PHE A 203 -13.55 6.85 12.79
C PHE A 203 -14.74 7.75 13.15
N ASP A 204 -14.50 8.72 14.03
CA ASP A 204 -15.60 9.51 14.54
C ASP A 204 -16.26 10.35 13.45
N GLU A 205 -15.46 10.90 12.54
CA GLU A 205 -16.00 11.73 11.46
C GLU A 205 -16.80 10.87 10.48
N ALA A 206 -16.33 9.64 10.25
CA ALA A 206 -17.09 8.72 9.42
C ALA A 206 -18.41 8.33 10.07
N MET A 207 -18.39 8.01 11.37
N MET A 207 -18.38 7.99 11.37
CA MET A 207 -19.61 7.62 12.05
CA MET A 207 -19.58 7.68 12.15
C MET A 207 -20.70 8.69 11.89
C MET A 207 -20.68 8.69 11.86
N ALA A 208 -20.32 9.98 11.99
CA ALA A 208 -21.25 11.08 11.90
C ALA A 208 -21.84 11.26 10.49
N ASP A 209 -21.23 10.66 9.47
CA ASP A 209 -21.70 10.77 8.09
C ASP A 209 -22.42 9.52 7.60
N LEU A 210 -22.46 8.46 8.38
CA LEU A 210 -23.12 7.23 7.95
C LEU A 210 -24.59 7.44 7.61
N HIS A 211 -25.25 8.40 8.23
CA HIS A 211 -26.66 8.60 8.04
C HIS A 211 -27.00 8.99 6.62
N THR A 212 -26.02 9.47 5.85
CA THR A 212 -26.24 9.92 4.50
C THR A 212 -26.25 8.78 3.46
N LEU A 213 -25.84 7.58 3.87
CA LEU A 213 -25.48 6.50 2.97
C LEU A 213 -26.62 5.51 2.75
N SER A 214 -26.59 4.93 1.55
CA SER A 214 -27.40 3.76 1.24
C SER A 214 -26.93 2.56 2.04
N GLU A 215 -27.73 1.49 2.01
CA GLU A 215 -27.38 0.25 2.68
C GLU A 215 -26.04 -0.28 2.15
N ASP A 216 -25.84 -0.28 0.83
CA ASP A 216 -24.60 -0.81 0.29
CA ASP A 216 -24.61 -0.79 0.25
C ASP A 216 -23.40 0.06 0.65
N SER A 217 -23.53 1.38 0.50
CA SER A 217 -22.41 2.25 0.89
C SER A 217 -22.07 2.14 2.38
N TYR A 218 -23.10 2.03 3.20
CA TYR A 218 -22.95 1.83 4.63
CA TYR A 218 -22.92 1.84 4.62
C TYR A 218 -22.10 0.60 4.92
N LYS A 219 -22.40 -0.50 4.23
CA LYS A 219 -21.63 -1.73 4.42
CA LYS A 219 -21.63 -1.72 4.42
C LYS A 219 -20.16 -1.48 4.06
N ASP A 220 -19.91 -0.84 2.92
CA ASP A 220 -18.54 -0.61 2.49
C ASP A 220 -17.77 0.23 3.52
N SER A 221 -18.38 1.32 3.97
CA SER A 221 -17.68 2.24 4.88
C SER A 221 -17.46 1.60 6.25
N THR A 222 -18.50 0.93 6.78
CA THR A 222 -18.37 0.34 8.10
C THR A 222 -17.35 -0.77 8.14
N LEU A 223 -17.14 -1.50 7.03
CA LEU A 223 -16.09 -2.50 7.01
C LEU A 223 -14.73 -1.87 7.32
N ILE A 224 -14.43 -0.75 6.69
CA ILE A 224 -13.13 -0.10 6.89
C ILE A 224 -13.06 0.57 8.24
N MET A 225 -14.17 1.13 8.70
CA MET A 225 -14.21 1.66 10.04
C MET A 225 -13.85 0.60 11.07
N GLN A 226 -14.29 -0.64 10.87
CA GLN A 226 -13.97 -1.69 11.82
C GLN A 226 -12.46 -1.94 11.86
N LEU A 227 -11.76 -1.80 10.74
CA LEU A 227 -10.31 -1.92 10.76
C LEU A 227 -9.64 -0.81 11.57
N LEU A 228 -10.14 0.42 11.46
CA LEU A 228 -9.65 1.47 12.33
C LEU A 228 -9.83 1.10 13.79
N ARG A 229 -11.02 0.58 14.14
CA ARG A 229 -11.29 0.17 15.52
CA ARG A 229 -11.30 0.19 15.51
C ARG A 229 -10.37 -0.96 15.94
N ASP A 230 -10.13 -1.93 15.06
CA ASP A 230 -9.26 -3.05 15.36
C ASP A 230 -7.85 -2.57 15.70
N ASN A 231 -7.33 -1.62 14.93
CA ASN A 231 -6.03 -1.04 15.27
C ASN A 231 -6.09 -0.27 16.59
N LEU A 232 -7.12 0.55 16.78
CA LEU A 232 -7.21 1.26 18.04
C LEU A 232 -7.21 0.32 19.24
N THR A 233 -7.87 -0.84 19.12
CA THR A 233 -7.90 -1.83 20.18
CA THR A 233 -7.87 -1.77 20.24
C THR A 233 -6.51 -2.43 20.39
N LEU A 234 -5.75 -2.66 19.32
CA LEU A 234 -4.39 -3.16 19.45
CA LEU A 234 -4.38 -3.15 19.40
C LEU A 234 -3.48 -2.12 20.09
N TRP A 235 -3.69 -0.84 19.79
CA TRP A 235 -2.77 0.23 20.12
C TRP A 235 -3.03 0.85 21.49
N THR A 236 -4.24 0.65 22.05
CA THR A 236 -4.66 1.31 23.27
C THR A 236 -5.11 0.28 24.32
N ARG B 2 1.13 -8.20 17.72
CA ARG B 2 0.55 -8.37 16.36
C ARG B 2 0.78 -7.09 15.56
N ARG B 3 1.10 -7.21 14.27
CA ARG B 3 1.25 -6.02 13.44
C ARG B 3 -0.13 -5.39 13.17
N SER B 4 -0.08 -4.11 12.89
CA SER B 4 -1.24 -3.32 12.56
C SER B 4 -1.85 -3.77 11.21
N ILE B 5 -3.16 -3.56 11.04
CA ILE B 5 -3.88 -3.93 9.82
CA ILE B 5 -3.93 -3.91 9.86
C ILE B 5 -3.94 -2.72 8.89
N PHE B 7 -5.15 -1.59 4.62
N PHE B 7 -5.27 -1.38 4.95
CA PHE B 7 -6.28 -1.86 3.70
CA PHE B 7 -6.42 -1.52 4.10
C PHE B 7 -6.02 -1.30 2.30
C PHE B 7 -6.30 -2.83 3.34
N SER B 8 -6.32 -2.13 1.28
N SER B 8 -7.35 -3.64 3.43
CA SER B 8 -6.45 -1.72 -0.12
CA SER B 8 -7.21 -5.06 3.20
CA SER B 8 -6.44 -1.14 -0.26
C SER B 8 -7.58 -2.50 -0.82
C SER B 8 -8.55 -5.69 2.81
N VAL B 9 -8.47 -1.80 -1.52
CA VAL B 9 -9.53 -2.34 -2.38
C VAL B 9 -10.58 -3.09 -1.58
N GLY B 10 -10.17 -4.20 -0.97
CA GLY B 10 -11.12 -5.12 -0.37
C GLY B 10 -10.37 -5.97 0.65
N ALA B 11 -11.11 -6.74 1.44
CA ALA B 11 -10.50 -7.68 2.36
C ALA B 11 -9.76 -8.79 1.59
#